data_2BRE
#
_entry.id   2BRE
#
_cell.length_a   44.700
_cell.length_b   112.620
_cell.length_c   114.390
_cell.angle_alpha   90.00
_cell.angle_beta   90.00
_cell.angle_gamma   90.00
#
_symmetry.space_group_name_H-M   'P 21 21 21'
#
loop_
_entity.id
_entity.type
_entity.pdbx_description
1 polymer 'ATP-DEPENDENT MOLECULAR CHAPERONE HSP82'
2 non-polymer 4-{4-[4-(3-AMINOPROPOXY)PHENYL]-1H-PYRAZOL-5-YL}-6-CHLOROBENZENE-1,3-DIOL
3 water water
#
_entity_poly.entity_id   1
_entity_poly.type   'polypeptide(L)'
_entity_poly.pdbx_seq_one_letter_code
;MASETFEFQAEITQLMSLIINTVYSNKEIFLRELISNASDALDKIRYKSLSDPKQLETEPDLFIRITPKPEQKVLEIRDS
GIGMTKAELINNLGTIAKSGTKAFMEALSAGADVSMIGQFGVGFYSLFLVADRVQVISKSNDDEQYIWESNAGGSFTVTL
DEVNERIGRGTILRLFLKDDQLEYLEEKRIKEVIKRHSEFVAYPIQLVVTKEVEKEVPI
;
_entity_poly.pdbx_strand_id   A,B
#
# COMPACT_ATOMS: atom_id res chain seq x y z
N ALA A 2 21.18 -11.18 10.99
CA ALA A 2 22.65 -10.99 10.86
C ALA A 2 22.94 -9.59 10.32
N SER A 3 23.60 -8.77 11.15
CA SER A 3 23.94 -7.40 10.77
C SER A 3 25.44 -7.25 10.62
N GLU A 4 25.86 -6.51 9.60
CA GLU A 4 27.27 -6.30 9.34
C GLU A 4 27.57 -4.82 9.16
N THR A 5 28.64 -4.34 9.79
CA THR A 5 28.99 -2.92 9.70
C THR A 5 30.24 -2.64 8.87
N PHE A 6 30.20 -1.58 8.06
CA PHE A 6 31.34 -1.20 7.24
C PHE A 6 31.56 0.31 7.31
N GLU A 7 32.77 0.74 7.04
CA GLU A 7 33.08 2.16 7.05
C GLU A 7 33.04 2.71 5.62
N PHE A 8 32.57 3.94 5.48
CA PHE A 8 32.51 4.62 4.17
C PHE A 8 33.94 5.02 3.84
N GLN A 9 34.21 5.27 2.56
CA GLN A 9 35.53 5.75 2.17
C GLN A 9 35.49 7.18 2.72
N ALA A 10 36.63 7.69 3.21
CA ALA A 10 36.74 9.03 3.81
C ALA A 10 35.98 10.13 3.07
N GLU A 11 36.25 10.25 1.77
CA GLU A 11 35.63 11.25 0.93
C GLU A 11 34.10 11.24 0.98
N ILE A 12 33.51 10.06 1.12
CA ILE A 12 32.05 9.92 1.17
C ILE A 12 31.52 10.46 2.49
N THR A 13 32.17 10.07 3.59
CA THR A 13 31.76 10.53 4.91
C THR A 13 31.82 12.05 4.99
N GLN A 14 32.88 12.63 4.45
CA GLN A 14 33.05 14.07 4.46
C GLN A 14 31.93 14.77 3.69
N LEU A 15 31.58 14.25 2.51
CA LEU A 15 30.50 14.87 1.73
C LEU A 15 29.18 14.79 2.49
N MET A 16 28.93 13.63 3.10
CA MET A 16 27.70 13.40 3.86
C MET A 16 27.61 14.36 5.04
N SER A 17 28.75 14.61 5.69
CA SER A 17 28.76 15.52 6.83
C SER A 17 28.35 16.92 6.37
N LEU A 18 28.86 17.34 5.21
CA LEU A 18 28.54 18.65 4.70
C LEU A 18 27.07 18.77 4.29
N ILE A 19 26.57 17.80 3.55
CA ILE A 19 25.19 17.84 3.09
C ILE A 19 24.16 17.83 4.22
N ILE A 20 24.35 16.95 5.19
CA ILE A 20 23.39 16.86 6.29
C ILE A 20 23.35 18.09 7.19
N ASN A 21 24.34 18.97 7.04
CA ASN A 21 24.43 20.19 7.86
C ASN A 21 24.30 21.48 7.06
N THR A 22 24.54 21.40 5.76
CA THR A 22 24.49 22.59 4.92
C THR A 22 23.14 23.28 4.94
N VAL A 23 23.18 24.61 4.80
CA VAL A 23 21.97 25.42 4.77
C VAL A 23 21.66 25.71 3.32
N TYR A 24 20.83 24.87 2.72
CA TYR A 24 20.46 25.05 1.33
C TYR A 24 18.99 25.46 1.31
N SER A 25 18.65 26.39 0.41
CA SER A 25 17.29 26.91 0.32
C SER A 25 16.40 26.22 -0.71
N ASN A 26 16.95 25.26 -1.45
CA ASN A 26 16.16 24.55 -2.44
C ASN A 26 16.45 23.06 -2.33
N LYS A 27 16.17 22.51 -1.15
CA LYS A 27 16.40 21.10 -0.86
C LYS A 27 15.56 20.12 -1.65
N GLU A 28 14.52 20.59 -2.33
CA GLU A 28 13.66 19.70 -3.10
C GLU A 28 14.40 18.97 -4.22
N ILE A 29 15.60 19.44 -4.56
CA ILE A 29 16.39 18.80 -5.63
C ILE A 29 16.72 17.35 -5.29
N PHE A 30 16.62 17.00 -4.02
CA PHE A 30 16.91 15.66 -3.59
C PHE A 30 16.04 14.63 -4.33
N LEU A 31 14.76 14.94 -4.51
CA LEU A 31 13.85 14.00 -5.17
C LEU A 31 14.24 13.74 -6.62
N ARG A 32 14.70 14.79 -7.29
CA ARG A 32 15.12 14.70 -8.68
C ARG A 32 16.24 13.65 -8.81
N GLU A 33 17.23 13.72 -7.92
CA GLU A 33 18.35 12.78 -7.95
C GLU A 33 17.90 11.33 -7.73
N LEU A 34 17.03 11.13 -6.74
CA LEU A 34 16.55 9.79 -6.44
C LEU A 34 15.65 9.23 -7.56
N ILE A 35 14.86 10.09 -8.20
CA ILE A 35 13.99 9.67 -9.30
C ILE A 35 14.86 9.26 -10.50
N SER A 36 15.95 9.99 -10.71
CA SER A 36 16.87 9.70 -11.79
C SER A 36 17.56 8.35 -11.55
N ASN A 37 18.00 8.10 -10.32
CA ASN A 37 18.64 6.83 -10.02
C ASN A 37 17.67 5.67 -10.20
N ALA A 38 16.42 5.86 -9.76
CA ALA A 38 15.40 4.82 -9.91
C ALA A 38 15.22 4.50 -11.40
N SER A 39 15.17 5.54 -12.22
CA SER A 39 15.01 5.38 -13.66
C SER A 39 16.16 4.55 -14.24
N ASP A 40 17.38 4.83 -13.79
CA ASP A 40 18.56 4.09 -14.25
C ASP A 40 18.45 2.61 -13.89
N ALA A 41 18.03 2.33 -12.66
CA ALA A 41 17.89 0.95 -12.22
C ALA A 41 16.86 0.22 -13.08
N LEU A 42 15.81 0.94 -13.46
CA LEU A 42 14.75 0.37 -14.30
C LEU A 42 15.29 0.08 -15.70
N ASP A 43 16.07 1.01 -16.24
CA ASP A 43 16.68 0.80 -17.57
C ASP A 43 17.54 -0.47 -17.54
N LYS A 44 18.25 -0.69 -16.44
CA LYS A 44 19.11 -1.84 -16.33
C LYS A 44 18.36 -3.17 -16.38
N ILE A 45 17.24 -3.27 -15.67
CA ILE A 45 16.49 -4.52 -15.70
C ILE A 45 15.78 -4.67 -17.04
N ARG A 46 15.36 -3.55 -17.63
CA ARG A 46 14.69 -3.56 -18.92
C ARG A 46 15.65 -4.08 -19.98
N TYR A 47 16.87 -3.54 -19.99
CA TYR A 47 17.88 -3.96 -20.96
C TYR A 47 18.18 -5.45 -20.83
N LYS A 48 18.47 -5.87 -19.61
CA LYS A 48 18.80 -7.27 -19.33
C LYS A 48 17.64 -8.21 -19.68
N SER A 49 16.41 -7.73 -19.57
CA SER A 49 15.25 -8.59 -19.85
C SER A 49 15.05 -8.84 -21.35
N LEU A 50 15.71 -8.06 -22.20
CA LEU A 50 15.59 -8.23 -23.64
C LEU A 50 15.98 -9.65 -24.06
N SER A 51 17.18 -10.08 -23.65
CA SER A 51 17.67 -11.42 -23.98
C SER A 51 17.32 -12.42 -22.88
N ASP A 52 16.96 -11.92 -21.71
CA ASP A 52 16.62 -12.79 -20.59
C ASP A 52 15.34 -12.30 -19.91
N PRO A 53 14.21 -12.37 -20.62
CA PRO A 53 12.90 -11.93 -20.12
C PRO A 53 12.46 -12.58 -18.81
N LYS A 54 12.99 -13.75 -18.50
CA LYS A 54 12.63 -14.43 -17.26
C LYS A 54 13.00 -13.55 -16.06
N GLN A 55 13.95 -12.65 -16.28
CA GLN A 55 14.41 -11.76 -15.20
C GLN A 55 13.28 -10.87 -14.69
N LEU A 56 12.26 -10.66 -15.53
CA LEU A 56 11.14 -9.81 -15.15
C LEU A 56 10.03 -10.49 -14.35
N GLU A 57 10.00 -11.82 -14.37
CA GLU A 57 8.97 -12.57 -13.65
C GLU A 57 8.85 -12.27 -12.17
N THR A 58 9.95 -11.87 -11.53
CA THR A 58 9.93 -11.56 -10.10
C THR A 58 9.12 -10.29 -9.84
N GLU A 59 9.05 -9.42 -10.84
CA GLU A 59 8.29 -8.18 -10.75
C GLU A 59 8.04 -7.68 -12.18
N PRO A 60 7.03 -8.26 -12.85
CA PRO A 60 6.63 -7.93 -14.22
C PRO A 60 6.53 -6.45 -14.58
N ASP A 61 6.01 -5.65 -13.65
CA ASP A 61 5.82 -4.21 -13.88
C ASP A 61 7.03 -3.33 -13.57
N LEU A 62 7.34 -2.41 -14.47
CA LEU A 62 8.46 -1.49 -14.30
C LEU A 62 7.89 -0.12 -13.92
N PHE A 63 8.16 0.31 -12.70
CA PHE A 63 7.61 1.57 -12.23
C PHE A 63 8.39 2.20 -11.10
N ILE A 64 8.00 3.42 -10.77
CA ILE A 64 8.57 4.17 -9.67
C ILE A 64 7.35 4.50 -8.81
N ARG A 65 7.49 4.34 -7.51
CA ARG A 65 6.40 4.60 -6.59
C ARG A 65 6.87 5.36 -5.36
N ILE A 66 6.21 6.48 -5.08
CA ILE A 66 6.55 7.31 -3.93
C ILE A 66 5.40 7.23 -2.92
N THR A 67 5.75 6.88 -1.69
CA THR A 67 4.79 6.72 -0.62
C THR A 67 5.19 7.44 0.66
N PRO A 68 4.51 8.54 0.99
CA PRO A 68 4.84 9.27 2.21
C PRO A 68 4.10 8.60 3.37
N LYS A 69 4.77 8.50 4.51
CA LYS A 69 4.20 7.88 5.71
C LYS A 69 4.32 8.87 6.86
N PRO A 70 3.37 9.81 6.95
CA PRO A 70 3.32 10.85 7.98
C PRO A 70 3.47 10.32 9.40
N GLU A 71 2.73 9.27 9.69
CA GLU A 71 2.74 8.65 11.00
C GLU A 71 4.17 8.34 11.43
N GLN A 72 5.01 7.99 10.46
CA GLN A 72 6.40 7.67 10.75
C GLN A 72 7.36 8.76 10.29
N LYS A 73 6.83 9.86 9.78
CA LYS A 73 7.68 10.94 9.28
C LYS A 73 8.70 10.33 8.33
N VAL A 74 8.20 9.45 7.46
CA VAL A 74 9.03 8.77 6.49
C VAL A 74 8.48 8.95 5.08
N LEU A 75 9.38 9.00 4.11
CA LEU A 75 9.03 9.13 2.71
C LEU A 75 9.75 7.98 2.02
N GLU A 76 9.02 7.16 1.26
CA GLU A 76 9.63 6.04 0.56
C GLU A 76 9.61 6.23 -0.95
N ILE A 77 10.76 5.99 -1.60
CA ILE A 77 10.85 6.09 -3.05
C ILE A 77 11.22 4.68 -3.53
N ARG A 78 10.26 4.03 -4.17
CA ARG A 78 10.41 2.66 -4.66
C ARG A 78 10.51 2.54 -6.18
N ASP A 79 11.28 1.56 -6.64
CA ASP A 79 11.39 1.30 -8.06
C ASP A 79 11.48 -0.22 -8.22
N SER A 80 11.07 -0.73 -9.38
CA SER A 80 11.11 -2.16 -9.63
C SER A 80 12.29 -2.44 -10.55
N GLY A 81 13.37 -1.70 -10.30
CA GLY A 81 14.58 -1.82 -11.07
C GLY A 81 15.30 -3.14 -10.85
N ILE A 82 16.54 -3.21 -11.33
CA ILE A 82 17.35 -4.41 -11.21
C ILE A 82 17.72 -4.77 -9.78
N GLY A 83 17.64 -3.80 -8.89
CA GLY A 83 17.97 -4.08 -7.49
C GLY A 83 19.46 -4.17 -7.24
N MET A 84 19.80 -4.40 -5.97
CA MET A 84 21.19 -4.51 -5.57
C MET A 84 21.40 -5.67 -4.61
N THR A 85 22.40 -6.50 -4.90
CA THR A 85 22.72 -7.63 -4.04
C THR A 85 23.41 -7.01 -2.84
N LYS A 86 23.67 -7.81 -1.81
CA LYS A 86 24.35 -7.32 -0.61
C LYS A 86 25.67 -6.67 -1.00
N ALA A 87 26.40 -7.33 -1.89
CA ALA A 87 27.69 -6.81 -2.34
C ALA A 87 27.54 -5.49 -3.09
N GLU A 88 26.49 -5.37 -3.90
CA GLU A 88 26.28 -4.15 -4.67
C GLU A 88 25.91 -2.96 -3.78
N LEU A 89 25.14 -3.23 -2.74
CA LEU A 89 24.74 -2.18 -1.80
C LEU A 89 25.98 -1.67 -1.10
N ILE A 90 26.84 -2.59 -0.69
CA ILE A 90 28.07 -2.23 0.00
C ILE A 90 28.95 -1.37 -0.91
N ASN A 91 29.23 -1.90 -2.10
CA ASN A 91 30.09 -1.21 -3.04
C ASN A 91 29.52 0.09 -3.62
N ASN A 92 28.28 0.05 -4.11
CA ASN A 92 27.64 1.21 -4.72
C ASN A 92 27.43 2.40 -3.79
N LEU A 93 26.96 2.12 -2.58
CA LEU A 93 26.68 3.18 -1.63
C LEU A 93 27.80 3.50 -0.64
N GLY A 94 28.69 2.55 -0.40
CA GLY A 94 29.76 2.81 0.57
C GLY A 94 31.18 2.98 0.09
N THR A 95 31.45 2.75 -1.20
CA THR A 95 32.82 2.82 -1.70
C THR A 95 33.06 3.51 -3.05
N ILE A 96 32.41 3.02 -4.10
CA ILE A 96 32.55 3.52 -5.45
C ILE A 96 32.40 5.03 -5.65
N ALA A 97 31.59 5.66 -4.80
CA ALA A 97 31.37 7.10 -4.91
C ALA A 97 32.57 7.93 -4.44
N LYS A 98 33.59 7.27 -3.91
CA LYS A 98 34.78 7.95 -3.42
C LYS A 98 35.29 9.09 -4.33
N SER A 99 35.63 8.76 -5.57
CA SER A 99 36.13 9.79 -6.47
C SER A 99 35.14 10.91 -6.74
N GLY A 100 33.89 10.55 -7.04
CA GLY A 100 32.88 11.55 -7.30
C GLY A 100 32.65 12.50 -6.13
N THR A 101 32.58 11.95 -4.91
CA THR A 101 32.35 12.76 -3.73
C THR A 101 33.52 13.71 -3.46
N LYS A 102 34.74 13.22 -3.66
CA LYS A 102 35.94 14.03 -3.45
C LYS A 102 35.96 15.20 -4.44
N ALA A 103 35.65 14.92 -5.69
CA ALA A 103 35.63 15.94 -6.73
C ALA A 103 34.53 16.98 -6.45
N PHE A 104 33.35 16.51 -6.05
CA PHE A 104 32.25 17.43 -5.75
C PHE A 104 32.59 18.31 -4.55
N MET A 105 33.20 17.73 -3.52
CA MET A 105 33.59 18.51 -2.34
C MET A 105 34.52 19.65 -2.77
N GLU A 106 35.45 19.34 -3.65
CA GLU A 106 36.38 20.36 -4.14
C GLU A 106 35.63 21.39 -4.95
N ALA A 107 34.63 20.95 -5.72
CA ALA A 107 33.84 21.86 -6.52
C ALA A 107 33.09 22.82 -5.60
N LEU A 108 32.50 22.28 -4.55
CA LEU A 108 31.74 23.08 -3.58
C LEU A 108 32.65 24.11 -2.91
N SER A 109 33.86 23.67 -2.56
CA SER A 109 34.84 24.55 -1.92
C SER A 109 35.20 25.68 -2.87
N ALA A 110 35.12 25.40 -4.17
CA ALA A 110 35.45 26.38 -5.19
C ALA A 110 34.25 27.28 -5.50
N GLY A 111 33.13 27.00 -4.85
CA GLY A 111 31.94 27.81 -5.04
C GLY A 111 30.78 27.18 -5.80
N ALA A 112 30.89 25.90 -6.12
CA ALA A 112 29.83 25.23 -6.85
C ALA A 112 28.54 25.15 -6.05
N ASP A 113 27.42 25.01 -6.76
CA ASP A 113 26.14 24.91 -6.08
C ASP A 113 25.85 23.43 -5.78
N VAL A 114 25.20 23.17 -4.66
CA VAL A 114 24.86 21.81 -4.28
C VAL A 114 24.00 21.12 -5.34
N SER A 115 23.26 21.88 -6.12
CA SER A 115 22.41 21.30 -7.16
C SER A 115 23.20 20.62 -8.28
N MET A 116 24.52 20.77 -8.25
CA MET A 116 25.41 20.17 -9.26
C MET A 116 25.82 18.75 -8.89
N ILE A 117 25.44 18.33 -7.70
CA ILE A 117 25.78 17.00 -7.20
C ILE A 117 25.58 15.88 -8.22
N GLY A 118 24.49 15.96 -8.97
CA GLY A 118 24.20 14.94 -9.97
C GLY A 118 25.25 14.85 -11.06
N GLN A 119 25.83 15.99 -11.41
CA GLN A 119 26.86 16.04 -12.44
C GLN A 119 28.10 15.26 -12.03
N PHE A 120 28.23 15.00 -10.73
CA PHE A 120 29.39 14.25 -10.22
C PHE A 120 29.06 12.79 -9.90
N GLY A 121 27.89 12.34 -10.36
CA GLY A 121 27.47 10.96 -10.14
C GLY A 121 27.17 10.52 -8.73
N VAL A 122 27.08 11.47 -7.81
CA VAL A 122 26.82 11.13 -6.42
C VAL A 122 25.54 11.78 -5.87
N GLY A 123 24.53 11.88 -6.72
CA GLY A 123 23.26 12.49 -6.35
C GLY A 123 22.55 11.82 -5.19
N PHE A 124 22.81 10.53 -5.02
CA PHE A 124 22.21 9.76 -3.93
C PHE A 124 22.32 10.46 -2.58
N TYR A 125 23.52 10.93 -2.26
CA TYR A 125 23.73 11.56 -0.96
C TYR A 125 22.98 12.87 -0.70
N SER A 126 22.30 13.40 -1.72
CA SER A 126 21.54 14.63 -1.54
C SER A 126 20.34 14.39 -0.61
N LEU A 127 19.99 13.13 -0.39
CA LEU A 127 18.87 12.80 0.48
C LEU A 127 19.08 13.34 1.89
N PHE A 128 20.34 13.51 2.30
CA PHE A 128 20.62 14.01 3.64
C PHE A 128 20.33 15.51 3.80
N LEU A 129 19.79 16.12 2.74
CA LEU A 129 19.40 17.50 2.78
C LEU A 129 18.09 17.56 3.56
N VAL A 130 17.28 16.50 3.44
CA VAL A 130 15.98 16.45 4.09
C VAL A 130 15.78 15.29 5.07
N ALA A 131 16.73 14.37 5.10
CA ALA A 131 16.63 13.23 5.98
C ALA A 131 17.92 13.08 6.78
N ASP A 132 17.80 12.61 8.02
CA ASP A 132 18.99 12.42 8.84
C ASP A 132 19.30 10.93 8.95
N ARG A 133 18.52 10.12 8.26
CA ARG A 133 18.72 8.69 8.30
C ARG A 133 18.05 8.06 7.09
N VAL A 134 18.65 7.01 6.55
CA VAL A 134 18.06 6.36 5.40
C VAL A 134 18.22 4.86 5.41
N GLN A 135 17.19 4.16 4.98
CA GLN A 135 17.26 2.72 4.88
C GLN A 135 17.05 2.37 3.41
N VAL A 136 18.01 1.64 2.83
CA VAL A 136 17.88 1.22 1.45
C VAL A 136 17.54 -0.27 1.49
N ILE A 137 16.31 -0.60 1.10
CA ILE A 137 15.84 -1.98 1.09
C ILE A 137 15.91 -2.43 -0.37
N SER A 138 16.72 -3.44 -0.66
CA SER A 138 16.83 -3.85 -2.04
C SER A 138 16.76 -5.36 -2.25
N LYS A 139 16.22 -5.74 -3.40
CA LYS A 139 16.06 -7.14 -3.77
C LYS A 139 16.47 -7.35 -5.22
N SER A 140 17.61 -7.99 -5.39
CA SER A 140 18.12 -8.30 -6.72
C SER A 140 17.70 -9.73 -6.98
N ASN A 141 17.49 -10.08 -8.25
CA ASN A 141 17.12 -11.45 -8.58
C ASN A 141 18.27 -12.39 -8.18
N ASP A 142 19.46 -11.84 -8.02
CA ASP A 142 20.63 -12.65 -7.67
C ASP A 142 20.95 -12.76 -6.19
N ASP A 143 20.06 -12.26 -5.33
CA ASP A 143 20.32 -12.33 -3.91
C ASP A 143 19.03 -12.17 -3.11
N GLU A 144 19.14 -12.29 -1.80
CA GLU A 144 17.99 -12.15 -0.91
C GLU A 144 17.76 -10.67 -0.65
N GLN A 145 16.62 -10.34 -0.04
CA GLN A 145 16.33 -8.94 0.26
C GLN A 145 17.20 -8.46 1.42
N TYR A 146 17.89 -7.34 1.20
CA TYR A 146 18.76 -6.77 2.23
C TYR A 146 18.38 -5.33 2.58
N ILE A 147 18.88 -4.90 3.73
CA ILE A 147 18.67 -3.55 4.23
C ILE A 147 20.01 -2.88 4.46
N TRP A 148 20.22 -1.75 3.81
CA TRP A 148 21.45 -0.97 3.96
C TRP A 148 20.97 0.23 4.78
N GLU A 149 21.72 0.61 5.81
CA GLU A 149 21.30 1.74 6.62
C GLU A 149 22.44 2.62 7.10
N SER A 150 22.17 3.92 7.10
CA SER A 150 23.16 4.89 7.54
C SER A 150 22.49 6.16 8.06
N ASN A 151 23.14 6.77 9.05
CA ASN A 151 22.67 8.00 9.66
C ASN A 151 23.77 9.05 9.51
N ALA A 152 24.64 8.83 8.54
CA ALA A 152 25.77 9.74 8.25
C ALA A 152 26.80 9.76 9.37
N GLY A 153 26.99 8.62 10.03
CA GLY A 153 27.97 8.54 11.11
C GLY A 153 29.33 7.95 10.73
N GLY A 154 29.66 7.96 9.45
CA GLY A 154 30.94 7.43 9.01
C GLY A 154 30.91 5.94 8.69
N SER A 155 29.84 5.27 9.11
CA SER A 155 29.70 3.85 8.86
C SER A 155 28.28 3.52 8.44
N PHE A 156 28.09 2.30 7.93
CA PHE A 156 26.78 1.87 7.50
C PHE A 156 26.65 0.38 7.79
N THR A 157 25.41 -0.08 7.93
CA THR A 157 25.17 -1.48 8.21
C THR A 157 24.37 -2.15 7.09
N VAL A 158 24.57 -3.45 6.93
CA VAL A 158 23.86 -4.25 5.94
C VAL A 158 23.25 -5.43 6.70
N THR A 159 21.93 -5.58 6.62
CA THR A 159 21.23 -6.65 7.33
C THR A 159 20.25 -7.41 6.45
N LEU A 160 20.18 -8.73 6.67
CA LEU A 160 19.25 -9.58 5.92
C LEU A 160 17.86 -9.15 6.34
N ASP A 161 17.06 -8.69 5.38
CA ASP A 161 15.72 -8.20 5.68
C ASP A 161 14.81 -9.29 6.22
N GLU A 162 14.36 -9.11 7.45
CA GLU A 162 13.48 -10.07 8.07
C GLU A 162 12.33 -9.38 8.75
N VAL A 163 12.16 -8.09 8.45
CA VAL A 163 11.09 -7.31 9.06
C VAL A 163 10.23 -6.54 8.06
N ASN A 164 10.79 -6.25 6.88
CA ASN A 164 10.05 -5.50 5.88
C ASN A 164 9.27 -6.39 4.92
N GLU A 165 8.35 -5.77 4.21
CA GLU A 165 7.54 -6.49 3.23
C GLU A 165 8.47 -6.97 2.12
N ARG A 166 8.33 -8.23 1.72
CA ARG A 166 9.16 -8.79 0.67
C ARG A 166 8.72 -8.30 -0.71
N ILE A 167 9.60 -7.59 -1.39
CA ILE A 167 9.28 -7.09 -2.72
C ILE A 167 9.77 -8.07 -3.76
N GLY A 168 9.07 -8.13 -4.90
CA GLY A 168 9.47 -9.05 -5.95
C GLY A 168 10.85 -8.74 -6.45
N ARG A 169 11.11 -7.47 -6.75
CA ARG A 169 12.42 -7.05 -7.24
C ARG A 169 12.49 -5.53 -7.22
N GLY A 170 13.66 -4.98 -6.88
CA GLY A 170 13.80 -3.54 -6.87
C GLY A 170 14.48 -2.96 -5.66
N THR A 171 14.25 -1.68 -5.43
CA THR A 171 14.87 -0.97 -4.32
C THR A 171 13.94 0.08 -3.73
N ILE A 172 14.00 0.22 -2.41
CA ILE A 172 13.19 1.20 -1.73
C ILE A 172 14.12 2.10 -0.93
N LEU A 173 14.00 3.40 -1.12
CA LEU A 173 14.79 4.33 -0.33
C LEU A 173 13.77 4.84 0.69
N ARG A 174 14.01 4.50 1.95
CA ARG A 174 13.14 4.91 3.06
C ARG A 174 13.84 6.03 3.80
N LEU A 175 13.35 7.24 3.57
CA LEU A 175 13.94 8.43 4.18
C LEU A 175 13.27 8.84 5.48
N PHE A 176 14.07 9.01 6.53
CA PHE A 176 13.55 9.46 7.82
C PHE A 176 13.80 10.97 7.81
N LEU A 177 12.78 11.71 7.42
CA LEU A 177 12.82 13.14 7.28
C LEU A 177 13.14 13.93 8.55
N LYS A 178 13.82 15.05 8.36
CA LYS A 178 14.17 15.94 9.45
C LYS A 178 12.88 16.62 9.89
N ASP A 179 12.79 16.95 11.18
CA ASP A 179 11.59 17.60 11.73
C ASP A 179 11.11 18.81 10.92
N ASP A 180 12.03 19.54 10.30
CA ASP A 180 11.63 20.72 9.52
C ASP A 180 11.53 20.46 8.02
N GLN A 181 11.38 19.20 7.62
CA GLN A 181 11.29 18.88 6.21
C GLN A 181 10.08 17.99 5.95
N LEU A 182 9.06 18.11 6.79
CA LEU A 182 7.86 17.28 6.67
C LEU A 182 6.94 17.68 5.52
N GLU A 183 7.25 18.80 4.85
CA GLU A 183 6.43 19.23 3.73
C GLU A 183 6.44 18.17 2.63
N TYR A 184 7.51 17.38 2.57
CA TYR A 184 7.62 16.36 1.53
C TYR A 184 6.77 15.12 1.79
N LEU A 185 5.90 15.21 2.79
CA LEU A 185 4.98 14.13 3.15
C LEU A 185 3.61 14.52 2.59
N GLU A 186 3.50 15.76 2.14
CA GLU A 186 2.26 16.31 1.59
C GLU A 186 2.08 16.00 0.10
N GLU A 187 0.92 15.47 -0.25
CA GLU A 187 0.62 15.12 -1.64
C GLU A 187 0.87 16.27 -2.61
N LYS A 188 0.23 17.40 -2.36
CA LYS A 188 0.37 18.58 -3.21
C LYS A 188 1.83 18.92 -3.46
N ARG A 189 2.59 19.06 -2.37
CA ARG A 189 4.01 19.40 -2.45
C ARG A 189 4.80 18.33 -3.23
N ILE A 190 4.60 17.07 -2.91
CA ILE A 190 5.31 16.00 -3.60
C ILE A 190 4.99 16.02 -5.10
N LYS A 191 3.71 16.21 -5.42
CA LYS A 191 3.29 16.26 -6.81
C LYS A 191 4.01 17.32 -7.61
N GLU A 192 4.06 18.54 -7.07
CA GLU A 192 4.72 19.63 -7.78
C GLU A 192 6.20 19.36 -7.99
N VAL A 193 6.87 18.83 -6.97
CA VAL A 193 8.30 18.54 -7.09
C VAL A 193 8.54 17.49 -8.19
N ILE A 194 7.70 16.46 -8.24
CA ILE A 194 7.81 15.41 -9.23
C ILE A 194 7.64 15.92 -10.67
N LYS A 195 6.57 16.69 -10.91
CA LYS A 195 6.28 17.20 -12.26
C LYS A 195 7.29 18.23 -12.77
N ARG A 196 7.99 18.89 -11.85
CA ARG A 196 8.97 19.90 -12.19
C ARG A 196 10.22 19.39 -12.90
N HIS A 197 10.57 18.12 -12.73
CA HIS A 197 11.78 17.60 -13.36
C HIS A 197 11.67 16.16 -13.87
N SER A 198 10.48 15.58 -13.83
CA SER A 198 10.33 14.20 -14.25
C SER A 198 9.81 13.97 -15.67
N GLU A 199 9.79 15.02 -16.49
CA GLU A 199 9.28 14.89 -17.85
C GLU A 199 9.98 13.79 -18.67
N PHE A 200 11.26 13.55 -18.39
CA PHE A 200 12.04 12.54 -19.14
C PHE A 200 11.79 11.09 -18.73
N VAL A 201 11.23 10.86 -17.55
CA VAL A 201 11.00 9.51 -17.07
C VAL A 201 10.07 8.71 -17.98
N ALA A 202 10.60 7.64 -18.56
CA ALA A 202 9.83 6.80 -19.47
C ALA A 202 9.00 5.76 -18.72
N TYR A 203 9.06 5.80 -17.39
CA TYR A 203 8.30 4.86 -16.59
C TYR A 203 7.24 5.61 -15.79
N PRO A 204 6.15 4.93 -15.42
CA PRO A 204 5.09 5.58 -14.65
C PRO A 204 5.56 5.85 -13.23
N ILE A 205 5.24 7.03 -12.72
CA ILE A 205 5.59 7.40 -11.36
C ILE A 205 4.28 7.41 -10.56
N GLN A 206 4.15 6.45 -9.65
CA GLN A 206 2.97 6.31 -8.83
C GLN A 206 3.11 7.03 -7.49
N LEU A 207 2.04 7.71 -7.09
CA LEU A 207 2.04 8.40 -5.80
C LEU A 207 0.92 7.76 -4.98
N VAL A 208 1.29 7.23 -3.82
CA VAL A 208 0.35 6.57 -2.92
C VAL A 208 0.10 7.48 -1.74
N VAL A 209 -1.14 7.94 -1.62
CA VAL A 209 -1.53 8.84 -0.55
C VAL A 209 -2.80 8.35 0.14
N THR A 210 -2.88 8.57 1.44
CA THR A 210 -4.06 8.17 2.21
C THR A 210 -4.75 9.43 2.70
N LYS A 211 -5.98 9.65 2.25
CA LYS A 211 -6.74 10.84 2.64
C LYS A 211 -8.07 10.43 3.28
N GLU A 212 -8.52 11.18 4.27
CA GLU A 212 -9.79 10.86 4.91
C GLU A 212 -10.93 11.50 4.14
N VAL A 213 -11.99 10.73 3.92
CA VAL A 213 -13.15 11.18 3.19
C VAL A 213 -14.17 11.82 4.15
N GLU A 214 -13.84 12.87 4.73
N ALA B 2 -4.51 -25.74 6.26
CA ALA B 2 -5.42 -26.63 5.49
C ALA B 2 -6.82 -26.02 5.40
N SER B 3 -7.26 -25.69 4.19
CA SER B 3 -8.58 -25.10 4.02
C SER B 3 -9.71 -26.07 4.33
N GLU B 4 -10.82 -25.54 4.82
CA GLU B 4 -11.99 -26.33 5.15
C GLU B 4 -13.17 -25.82 4.33
N THR B 5 -13.95 -26.72 3.76
CA THR B 5 -15.09 -26.34 2.93
C THR B 5 -16.43 -26.56 3.62
N PHE B 6 -17.32 -25.58 3.49
CA PHE B 6 -18.65 -25.68 4.09
C PHE B 6 -19.68 -25.26 3.05
N GLU B 7 -20.93 -25.66 3.25
CA GLU B 7 -21.96 -25.25 2.32
C GLU B 7 -22.85 -24.22 2.99
N PHE B 8 -23.24 -23.20 2.22
CA PHE B 8 -24.11 -22.15 2.73
C PHE B 8 -25.50 -22.77 2.89
N GLN B 9 -26.34 -22.12 3.68
CA GLN B 9 -27.71 -22.59 3.81
C GLN B 9 -28.25 -22.29 2.42
N ALA B 10 -29.11 -23.17 1.91
CA ALA B 10 -29.70 -23.04 0.57
C ALA B 10 -30.16 -21.64 0.16
N GLU B 11 -30.94 -21.00 1.03
CA GLU B 11 -31.47 -19.67 0.75
C GLU B 11 -30.41 -18.59 0.52
N ILE B 12 -29.27 -18.71 1.16
CA ILE B 12 -28.22 -17.72 0.99
C ILE B 12 -27.65 -17.87 -0.41
N THR B 13 -27.43 -19.11 -0.83
CA THR B 13 -26.90 -19.38 -2.16
C THR B 13 -27.85 -18.83 -3.21
N GLN B 14 -29.14 -18.94 -2.94
CA GLN B 14 -30.18 -18.44 -3.85
C GLN B 14 -30.04 -16.93 -4.01
N LEU B 15 -29.88 -16.22 -2.90
CA LEU B 15 -29.76 -14.77 -2.94
C LEU B 15 -28.48 -14.35 -3.68
N MET B 16 -27.37 -15.01 -3.36
CA MET B 16 -26.11 -14.68 -4.01
C MET B 16 -26.22 -14.85 -5.52
N SER B 17 -26.87 -15.92 -5.98
CA SER B 17 -27.03 -16.14 -7.41
C SER B 17 -27.89 -15.03 -8.02
N LEU B 18 -28.90 -14.59 -7.28
CA LEU B 18 -29.76 -13.54 -7.78
C LEU B 18 -29.03 -12.21 -7.87
N ILE B 19 -28.27 -11.91 -6.84
CA ILE B 19 -27.54 -10.66 -6.78
C ILE B 19 -26.42 -10.56 -7.81
N ILE B 20 -25.65 -11.63 -7.97
CA ILE B 20 -24.55 -11.61 -8.91
C ILE B 20 -24.98 -11.54 -10.38
N ASN B 21 -26.19 -12.01 -10.67
CA ASN B 21 -26.72 -11.99 -12.03
C ASN B 21 -27.69 -10.84 -12.32
N THR B 22 -28.22 -10.21 -11.29
CA THR B 22 -29.18 -9.14 -11.50
C THR B 22 -28.64 -7.96 -12.32
N VAL B 23 -29.52 -7.34 -13.10
CA VAL B 23 -29.13 -6.22 -13.93
C VAL B 23 -29.38 -4.88 -13.23
N TYR B 24 -29.54 -4.92 -11.92
CA TYR B 24 -29.76 -3.71 -11.13
C TYR B 24 -28.73 -2.66 -11.54
N SER B 25 -29.20 -1.44 -11.84
CA SER B 25 -28.31 -0.37 -12.27
C SER B 25 -27.60 0.39 -11.14
N ASN B 26 -28.34 0.71 -10.09
CA ASN B 26 -27.77 1.46 -8.95
C ASN B 26 -26.92 0.54 -8.06
N LYS B 27 -25.90 -0.06 -8.66
CA LYS B 27 -24.99 -0.98 -7.97
C LYS B 27 -24.13 -0.34 -6.89
N GLU B 28 -23.92 0.97 -6.97
CA GLU B 28 -23.09 1.66 -6.00
C GLU B 28 -23.54 1.47 -4.54
N ILE B 29 -24.79 1.06 -4.34
CA ILE B 29 -25.30 0.86 -2.98
C ILE B 29 -24.56 -0.22 -2.19
N PHE B 30 -23.77 -1.04 -2.88
CA PHE B 30 -23.03 -2.08 -2.18
C PHE B 30 -22.06 -1.46 -1.16
N LEU B 31 -21.45 -0.32 -1.50
CA LEU B 31 -20.48 0.30 -0.61
C LEU B 31 -21.04 0.75 0.74
N ARG B 32 -22.23 1.34 0.72
CA ARG B 32 -22.88 1.79 1.94
C ARG B 32 -23.07 0.59 2.87
N GLU B 33 -23.54 -0.52 2.31
CA GLU B 33 -23.76 -1.72 3.13
C GLU B 33 -22.48 -2.22 3.78
N LEU B 34 -21.37 -2.23 3.04
CA LEU B 34 -20.13 -2.73 3.61
C LEU B 34 -19.53 -1.78 4.64
N ILE B 35 -19.67 -0.49 4.40
CA ILE B 35 -19.16 0.53 5.32
C ILE B 35 -20.01 0.46 6.61
N SER B 36 -21.32 0.27 6.45
CA SER B 36 -22.23 0.18 7.59
C SER B 36 -21.89 -1.04 8.46
N ASN B 37 -21.55 -2.16 7.83
CA ASN B 37 -21.16 -3.35 8.58
C ASN B 37 -19.84 -3.08 9.29
N ALA B 38 -18.91 -2.38 8.63
CA ALA B 38 -17.62 -2.06 9.23
C ALA B 38 -17.85 -1.22 10.49
N SER B 39 -18.75 -0.25 10.36
CA SER B 39 -19.10 0.64 11.46
C SER B 39 -19.64 -0.17 12.63
N ASP B 40 -20.52 -1.13 12.35
CA ASP B 40 -21.08 -1.96 13.41
C ASP B 40 -20.00 -2.74 14.13
N ALA B 41 -19.08 -3.33 13.35
CA ALA B 41 -17.99 -4.10 13.92
C ALA B 41 -17.17 -3.22 14.87
N LEU B 42 -16.97 -1.97 14.45
CA LEU B 42 -16.21 -1.00 15.25
C LEU B 42 -16.97 -0.67 16.54
N ASP B 43 -18.30 -0.56 16.45
CA ASP B 43 -19.10 -0.29 17.66
C ASP B 43 -18.92 -1.44 18.66
N LYS B 44 -18.83 -2.67 18.15
CA LYS B 44 -18.67 -3.85 19.00
C LYS B 44 -17.38 -3.86 19.82
N ILE B 45 -16.27 -3.49 19.19
CA ILE B 45 -14.98 -3.46 19.91
C ILE B 45 -15.04 -2.35 20.93
N ARG B 46 -15.61 -1.22 20.52
CA ARG B 46 -15.74 -0.05 21.37
C ARG B 46 -16.50 -0.44 22.62
N TYR B 47 -17.68 -1.02 22.45
CA TYR B 47 -18.49 -1.44 23.59
C TYR B 47 -17.71 -2.35 24.53
N LYS B 48 -17.08 -3.36 23.96
CA LYS B 48 -16.30 -4.32 24.75
C LYS B 48 -15.10 -3.68 25.42
N SER B 49 -14.58 -2.60 24.84
CA SER B 49 -13.43 -1.92 25.41
C SER B 49 -13.79 -1.04 26.60
N LEU B 50 -15.07 -0.78 26.78
CA LEU B 50 -15.52 0.07 27.89
C LEU B 50 -15.05 -0.46 29.23
N SER B 51 -15.22 -1.77 29.45
CA SER B 51 -14.82 -2.38 30.70
C SER B 51 -13.48 -3.11 30.58
N ASP B 52 -13.04 -3.34 29.35
CA ASP B 52 -11.77 -4.03 29.12
C ASP B 52 -11.00 -3.36 27.98
N PRO B 53 -10.52 -2.13 28.20
CA PRO B 53 -9.77 -1.37 27.19
C PRO B 53 -8.55 -2.11 26.64
N LYS B 54 -8.11 -3.14 27.35
CA LYS B 54 -6.96 -3.90 26.89
C LYS B 54 -7.25 -4.53 25.53
N GLN B 55 -8.55 -4.72 25.25
CA GLN B 55 -9.02 -5.32 23.99
C GLN B 55 -8.67 -4.46 22.77
N LEU B 56 -8.44 -3.17 22.99
CA LEU B 56 -8.10 -2.27 21.89
C LEU B 56 -6.62 -2.25 21.53
N GLU B 57 -5.80 -2.72 22.47
CA GLU B 57 -4.35 -2.74 22.30
C GLU B 57 -3.81 -3.45 21.07
N THR B 58 -4.56 -4.42 20.55
CA THR B 58 -4.14 -5.15 19.36
C THR B 58 -4.20 -4.21 18.15
N GLU B 59 -4.98 -3.15 18.28
CA GLU B 59 -5.14 -2.15 17.21
C GLU B 59 -5.87 -0.95 17.81
N PRO B 60 -5.12 -0.07 18.50
CA PRO B 60 -5.66 1.12 19.15
C PRO B 60 -6.49 2.08 18.30
N ASP B 61 -6.22 2.15 17.00
CA ASP B 61 -6.98 3.04 16.13
C ASP B 61 -8.24 2.40 15.57
N LEU B 62 -9.36 3.11 15.67
CA LEU B 62 -10.65 2.65 15.17
C LEU B 62 -10.92 3.37 13.85
N PHE B 63 -10.88 2.63 12.76
CA PHE B 63 -11.07 3.25 11.46
C PHE B 63 -11.60 2.29 10.41
N ILE B 64 -11.95 2.87 9.27
CA ILE B 64 -12.42 2.12 8.11
C ILE B 64 -11.44 2.60 7.03
N ARG B 65 -10.93 1.69 6.23
CA ARG B 65 -9.99 2.03 5.17
C ARG B 65 -10.33 1.34 3.86
N ILE B 66 -10.36 2.12 2.78
CA ILE B 66 -10.68 1.61 1.44
C ILE B 66 -9.43 1.67 0.56
N THR B 67 -9.00 0.52 0.05
CA THR B 67 -7.81 0.46 -0.79
C THR B 67 -8.06 -0.19 -2.15
N PRO B 68 -8.13 0.63 -3.21
CA PRO B 68 -8.36 0.13 -4.57
C PRO B 68 -7.03 -0.44 -5.10
N LYS B 69 -7.10 -1.58 -5.78
CA LYS B 69 -5.91 -2.22 -6.36
C LYS B 69 -6.24 -2.55 -7.81
N PRO B 70 -6.17 -1.54 -8.69
CA PRO B 70 -6.47 -1.67 -10.11
C PRO B 70 -5.75 -2.80 -10.83
N GLU B 71 -4.47 -2.96 -10.56
CA GLU B 71 -3.70 -4.02 -11.20
C GLU B 71 -4.33 -5.39 -10.98
N GLN B 72 -4.88 -5.59 -9.78
CA GLN B 72 -5.50 -6.86 -9.46
C GLN B 72 -7.02 -6.79 -9.63
N LYS B 73 -7.52 -5.61 -9.98
CA LYS B 73 -8.95 -5.39 -10.15
C LYS B 73 -9.63 -5.81 -8.84
N VAL B 74 -9.04 -5.33 -7.75
CA VAL B 74 -9.51 -5.62 -6.41
C VAL B 74 -9.78 -4.35 -5.61
N LEU B 75 -10.83 -4.38 -4.80
CA LEU B 75 -11.16 -3.25 -3.93
C LEU B 75 -11.21 -3.83 -2.52
N GLU B 76 -10.41 -3.28 -1.61
CA GLU B 76 -10.41 -3.75 -0.24
C GLU B 76 -11.10 -2.77 0.69
N ILE B 77 -11.95 -3.31 1.56
CA ILE B 77 -12.64 -2.50 2.54
C ILE B 77 -12.20 -3.07 3.89
N ARG B 78 -11.40 -2.30 4.60
CA ARG B 78 -10.84 -2.70 5.89
C ARG B 78 -11.41 -1.92 7.07
N ASP B 79 -11.57 -2.59 8.20
CA ASP B 79 -12.01 -1.95 9.41
C ASP B 79 -11.21 -2.57 10.56
N SER B 80 -11.05 -1.82 11.65
CA SER B 80 -10.33 -2.35 12.80
C SER B 80 -11.37 -2.71 13.85
N GLY B 81 -12.44 -3.33 13.38
CA GLY B 81 -13.52 -3.75 14.24
C GLY B 81 -13.16 -4.94 15.10
N ILE B 82 -14.17 -5.52 15.77
CA ILE B 82 -13.96 -6.64 16.66
C ILE B 82 -13.48 -7.90 15.95
N GLY B 83 -13.68 -7.96 14.64
CA GLY B 83 -13.24 -9.12 13.89
C GLY B 83 -14.12 -10.34 14.07
N MET B 84 -13.72 -11.42 13.43
CA MET B 84 -14.46 -12.67 13.49
C MET B 84 -13.54 -13.86 13.59
N THR B 85 -13.79 -14.72 14.57
CA THR B 85 -13.00 -15.93 14.72
C THR B 85 -13.41 -16.84 13.57
N LYS B 86 -12.73 -17.97 13.44
CA LYS B 86 -13.05 -18.93 12.39
C LYS B 86 -14.52 -19.32 12.49
N ALA B 87 -14.94 -19.67 13.70
CA ALA B 87 -16.33 -20.07 13.96
C ALA B 87 -17.32 -18.97 13.59
N GLU B 88 -16.97 -17.73 13.91
CA GLU B 88 -17.84 -16.60 13.61
C GLU B 88 -17.97 -16.34 12.11
N LEU B 89 -16.86 -16.53 11.38
CA LEU B 89 -16.89 -16.34 9.93
C LEU B 89 -17.83 -17.38 9.31
N ILE B 90 -17.69 -18.63 9.75
CA ILE B 90 -18.52 -19.71 9.24
C ILE B 90 -20.01 -19.43 9.53
N ASN B 91 -20.32 -19.16 10.79
CA ASN B 91 -21.70 -18.91 11.20
C ASN B 91 -22.31 -17.61 10.64
N ASN B 92 -21.61 -16.49 10.82
CA ASN B 92 -22.08 -15.17 10.35
C ASN B 92 -22.30 -15.04 8.85
N LEU B 93 -21.37 -15.56 8.06
CA LEU B 93 -21.46 -15.42 6.61
C LEU B 93 -22.06 -16.61 5.89
N GLY B 94 -22.00 -17.78 6.51
CA GLY B 94 -22.52 -18.96 5.85
C GLY B 94 -23.80 -19.60 6.35
N THR B 95 -24.33 -19.12 7.48
CA THR B 95 -25.51 -19.74 8.06
C THR B 95 -26.64 -18.86 8.63
N ILE B 96 -26.32 -18.04 9.63
CA ILE B 96 -27.29 -17.18 10.29
C ILE B 96 -28.09 -16.24 9.40
N ALA B 97 -27.56 -15.95 8.22
CA ALA B 97 -28.27 -15.06 7.31
C ALA B 97 -29.45 -15.78 6.63
N LYS B 98 -29.54 -17.09 6.81
CA LYS B 98 -30.62 -17.87 6.18
C LYS B 98 -31.99 -17.18 6.17
N SER B 99 -32.53 -16.86 7.34
CA SER B 99 -33.84 -16.21 7.42
C SER B 99 -33.89 -14.85 6.74
N GLY B 100 -32.86 -14.05 6.97
CA GLY B 100 -32.81 -12.74 6.35
C GLY B 100 -32.81 -12.85 4.83
N THR B 101 -32.02 -13.77 4.27
CA THR B 101 -31.96 -13.90 2.82
C THR B 101 -33.28 -14.40 2.28
N LYS B 102 -33.90 -15.35 2.98
CA LYS B 102 -35.17 -15.89 2.54
C LYS B 102 -36.23 -14.79 2.53
N ALA B 103 -36.27 -13.98 3.60
CA ALA B 103 -37.24 -12.89 3.71
C ALA B 103 -37.01 -11.81 2.65
N PHE B 104 -35.75 -11.53 2.34
CA PHE B 104 -35.45 -10.52 1.35
C PHE B 104 -35.87 -11.00 -0.05
N MET B 105 -35.64 -12.27 -0.36
CA MET B 105 -36.02 -12.78 -1.67
C MET B 105 -37.52 -12.72 -1.86
N GLU B 106 -38.28 -13.10 -0.84
CA GLU B 106 -39.72 -13.04 -0.92
C GLU B 106 -40.09 -11.57 -1.09
N ALA B 107 -39.35 -10.70 -0.41
CA ALA B 107 -39.60 -9.26 -0.49
C ALA B 107 -39.35 -8.76 -1.91
N LEU B 108 -38.30 -9.27 -2.56
CA LEU B 108 -37.98 -8.87 -3.92
C LEU B 108 -39.08 -9.35 -4.84
N SER B 109 -39.56 -10.57 -4.64
CA SER B 109 -40.63 -11.11 -5.47
C SER B 109 -41.91 -10.34 -5.23
N ALA B 110 -41.98 -9.62 -4.11
CA ALA B 110 -43.16 -8.82 -3.76
C ALA B 110 -43.03 -7.38 -4.21
N GLY B 111 -41.94 -7.06 -4.92
CA GLY B 111 -41.74 -5.72 -5.42
C GLY B 111 -40.75 -4.84 -4.67
N ALA B 112 -39.97 -5.44 -3.77
CA ALA B 112 -38.98 -4.67 -3.02
C ALA B 112 -37.81 -4.33 -3.94
N ASP B 113 -37.08 -3.28 -3.59
CA ASP B 113 -35.91 -2.85 -4.37
C ASP B 113 -34.63 -3.42 -3.76
N VAL B 114 -33.67 -3.77 -4.59
CA VAL B 114 -32.41 -4.33 -4.10
C VAL B 114 -31.75 -3.44 -3.04
N SER B 115 -31.93 -2.14 -3.17
CA SER B 115 -31.34 -1.19 -2.22
C SER B 115 -31.86 -1.32 -0.79
N MET B 116 -32.87 -2.15 -0.57
CA MET B 116 -33.44 -2.32 0.78
C MET B 116 -32.85 -3.55 1.45
N ILE B 117 -31.85 -4.15 0.83
CA ILE B 117 -31.23 -5.35 1.36
C ILE B 117 -30.79 -5.19 2.82
N GLY B 118 -30.29 -4.02 3.19
CA GLY B 118 -29.83 -3.78 4.54
C GLY B 118 -30.94 -3.88 5.58
N GLN B 119 -32.16 -3.51 5.18
CA GLN B 119 -33.31 -3.57 6.08
C GLN B 119 -33.61 -5.00 6.48
N PHE B 120 -32.97 -5.97 5.81
CA PHE B 120 -33.17 -7.38 6.14
C PHE B 120 -31.97 -8.00 6.83
N GLY B 121 -30.96 -7.16 7.11
CA GLY B 121 -29.77 -7.62 7.79
C GLY B 121 -28.79 -8.47 7.00
N VAL B 122 -28.90 -8.42 5.66
CA VAL B 122 -28.02 -9.20 4.81
C VAL B 122 -27.33 -8.38 3.70
N GLY B 123 -27.09 -7.10 3.98
CA GLY B 123 -26.44 -6.22 3.02
C GLY B 123 -25.09 -6.69 2.53
N PHE B 124 -24.42 -7.50 3.34
CA PHE B 124 -23.11 -8.06 2.99
C PHE B 124 -23.12 -8.62 1.57
N TYR B 125 -24.11 -9.46 1.27
CA TYR B 125 -24.19 -10.08 -0.04
C TYR B 125 -24.36 -9.14 -1.24
N SER B 126 -24.68 -7.87 -1.00
CA SER B 126 -24.83 -6.93 -2.11
C SER B 126 -23.48 -6.71 -2.81
N LEU B 127 -22.41 -7.23 -2.21
CA LEU B 127 -21.08 -7.08 -2.81
C LEU B 127 -21.01 -7.79 -4.15
N PHE B 128 -21.82 -8.83 -4.33
CA PHE B 128 -21.81 -9.56 -5.59
C PHE B 128 -22.42 -8.78 -6.75
N LEU B 129 -22.88 -7.57 -6.46
CA LEU B 129 -23.43 -6.71 -7.50
C LEU B 129 -22.26 -6.23 -8.34
N VAL B 130 -21.13 -5.98 -7.69
CA VAL B 130 -19.96 -5.47 -8.40
C VAL B 130 -18.76 -6.43 -8.42
N ALA B 131 -18.82 -7.48 -7.63
CA ALA B 131 -17.75 -8.47 -7.52
C ALA B 131 -18.23 -9.89 -7.82
N ASP B 132 -17.35 -10.73 -8.34
CA ASP B 132 -17.75 -12.10 -8.66
C ASP B 132 -17.04 -13.05 -7.70
N ARG B 133 -16.24 -12.49 -6.80
CA ARG B 133 -15.52 -13.28 -5.82
C ARG B 133 -15.11 -12.39 -4.66
N VAL B 134 -15.09 -12.96 -3.46
CA VAL B 134 -14.69 -12.19 -2.29
C VAL B 134 -13.92 -13.03 -1.28
N GLN B 135 -12.94 -12.39 -0.65
CA GLN B 135 -12.16 -13.04 0.38
C GLN B 135 -12.34 -12.18 1.62
N VAL B 136 -12.80 -12.78 2.71
CA VAL B 136 -12.98 -12.04 3.93
C VAL B 136 -11.83 -12.46 4.86
N ILE B 137 -10.93 -11.52 5.12
CA ILE B 137 -9.79 -11.76 5.98
C ILE B 137 -10.12 -11.12 7.31
N SER B 138 -10.09 -11.91 8.38
CA SER B 138 -10.47 -11.37 9.66
C SER B 138 -9.60 -11.88 10.80
N LYS B 139 -9.40 -11.00 11.77
CA LYS B 139 -8.61 -11.31 12.94
C LYS B 139 -9.32 -10.83 14.18
N SER B 140 -9.79 -11.78 14.99
CA SER B 140 -10.45 -11.46 16.25
C SER B 140 -9.38 -11.58 17.32
N ASN B 141 -9.55 -10.89 18.44
CA ASN B 141 -8.58 -11.00 19.53
C ASN B 141 -8.64 -12.41 20.09
N ASP B 142 -9.73 -13.12 19.78
CA ASP B 142 -9.92 -14.48 20.29
C ASP B 142 -9.50 -15.61 19.34
N ASP B 143 -8.87 -15.27 18.22
CA ASP B 143 -8.48 -16.33 17.28
C ASP B 143 -7.37 -15.81 16.37
N GLU B 144 -6.83 -16.70 15.56
CA GLU B 144 -5.79 -16.34 14.62
C GLU B 144 -6.47 -15.72 13.39
N GLN B 145 -5.69 -15.19 12.47
CA GLN B 145 -6.22 -14.58 11.26
C GLN B 145 -6.67 -15.67 10.29
N TYR B 146 -7.88 -15.55 9.77
CA TYR B 146 -8.42 -16.53 8.84
C TYR B 146 -8.91 -15.88 7.55
N ILE B 147 -9.10 -16.71 6.52
CA ILE B 147 -9.58 -16.27 5.21
C ILE B 147 -10.84 -17.04 4.84
N TRP B 148 -11.94 -16.31 4.68
CA TRP B 148 -13.22 -16.89 4.28
C TRP B 148 -13.32 -16.56 2.78
N GLU B 149 -13.66 -17.52 1.94
CA GLU B 149 -13.77 -17.21 0.51
C GLU B 149 -15.03 -17.75 -0.15
N SER B 150 -15.62 -16.92 -1.00
CA SER B 150 -16.85 -17.28 -1.71
C SER B 150 -16.89 -16.72 -3.12
N ASN B 151 -17.55 -17.45 -4.03
CA ASN B 151 -17.68 -16.98 -5.40
C ASN B 151 -19.17 -16.95 -5.77
N ALA B 152 -19.99 -16.86 -4.72
CA ALA B 152 -21.45 -16.81 -4.84
C ALA B 152 -22.03 -18.22 -5.05
N GLY B 153 -21.14 -19.21 -5.16
CA GLY B 153 -21.59 -20.59 -5.32
C GLY B 153 -22.09 -21.13 -3.99
N GLY B 154 -22.52 -22.39 -3.96
CA GLY B 154 -23.06 -22.99 -2.75
C GLY B 154 -22.11 -23.40 -1.64
N SER B 155 -20.81 -23.26 -1.90
CA SER B 155 -19.81 -23.64 -0.93
C SER B 155 -18.82 -22.51 -0.68
N PHE B 156 -18.26 -22.49 0.52
CA PHE B 156 -17.29 -21.50 0.88
C PHE B 156 -16.17 -22.20 1.64
N THR B 157 -14.98 -21.61 1.64
CA THR B 157 -13.84 -22.20 2.31
C THR B 157 -13.31 -21.30 3.41
N VAL B 158 -12.73 -21.91 4.43
CA VAL B 158 -12.13 -21.17 5.54
C VAL B 158 -10.73 -21.71 5.68
N THR B 159 -9.76 -20.80 5.58
CA THR B 159 -8.35 -21.17 5.63
C THR B 159 -7.52 -20.30 6.59
N LEU B 160 -6.67 -20.95 7.39
CA LEU B 160 -5.80 -20.24 8.32
C LEU B 160 -4.96 -19.37 7.40
N ASP B 161 -4.94 -18.07 7.67
CA ASP B 161 -4.21 -17.14 6.82
C ASP B 161 -2.70 -17.28 6.95
N GLU B 162 -2.04 -17.57 5.83
CA GLU B 162 -0.59 -17.71 5.84
C GLU B 162 0.02 -16.93 4.68
N VAL B 163 -0.81 -16.21 3.93
CA VAL B 163 -0.32 -15.47 2.79
C VAL B 163 -0.51 -13.96 2.86
N ASN B 164 -1.53 -13.51 3.59
CA ASN B 164 -1.81 -12.08 3.69
C ASN B 164 -1.10 -11.40 4.85
N GLU B 165 -0.98 -10.08 4.74
CA GLU B 165 -0.37 -9.29 5.77
C GLU B 165 -1.16 -9.53 7.05
N ARG B 166 -0.46 -9.67 8.17
CA ARG B 166 -1.09 -9.89 9.45
C ARG B 166 -1.56 -8.57 10.05
N ILE B 167 -2.87 -8.44 10.27
CA ILE B 167 -3.42 -7.21 10.83
C ILE B 167 -3.57 -7.35 12.34
N GLY B 168 -3.54 -6.22 13.04
CA GLY B 168 -3.66 -6.27 14.48
C GLY B 168 -5.01 -6.78 14.93
N ARG B 169 -6.06 -6.33 14.25
CA ARG B 169 -7.42 -6.72 14.59
C ARG B 169 -8.38 -6.12 13.58
N GLY B 170 -9.38 -6.89 13.17
CA GLY B 170 -10.34 -6.34 12.24
C GLY B 170 -10.69 -7.24 11.09
N THR B 171 -11.30 -6.65 10.07
CA THR B 171 -11.71 -7.42 8.93
C THR B 171 -11.46 -6.69 7.62
N ILE B 172 -11.11 -7.47 6.61
CA ILE B 172 -10.87 -6.94 5.28
C ILE B 172 -11.77 -7.69 4.30
N LEU B 173 -12.56 -6.96 3.54
CA LEU B 173 -13.38 -7.57 2.51
C LEU B 173 -12.59 -7.25 1.24
N ARG B 174 -11.97 -8.27 0.66
CA ARG B 174 -11.20 -8.12 -0.56
C ARG B 174 -12.12 -8.55 -1.67
N LEU B 175 -12.64 -7.56 -2.40
CA LEU B 175 -13.57 -7.77 -3.50
C LEU B 175 -12.93 -7.86 -4.87
N PHE B 176 -13.17 -8.95 -5.59
CA PHE B 176 -12.63 -9.10 -6.94
C PHE B 176 -13.72 -8.61 -7.88
N LEU B 177 -13.57 -7.37 -8.33
CA LEU B 177 -14.54 -6.71 -9.19
C LEU B 177 -14.79 -7.35 -10.55
N LYS B 178 -16.04 -7.23 -11.02
CA LYS B 178 -16.44 -7.75 -12.33
C LYS B 178 -15.78 -6.81 -13.35
N ASP B 179 -15.49 -7.32 -14.55
CA ASP B 179 -14.84 -6.51 -15.58
C ASP B 179 -15.61 -5.24 -15.98
N ASP B 180 -16.91 -5.22 -15.70
CA ASP B 180 -17.73 -4.07 -16.05
C ASP B 180 -18.04 -3.16 -14.86
N GLN B 181 -17.28 -3.32 -13.77
CA GLN B 181 -17.51 -2.51 -12.57
C GLN B 181 -16.20 -1.96 -12.03
N LEU B 182 -15.21 -1.80 -12.91
CA LEU B 182 -13.92 -1.30 -12.49
C LEU B 182 -13.95 0.18 -12.10
N GLU B 183 -15.07 0.84 -12.37
CA GLU B 183 -15.21 2.24 -12.00
C GLU B 183 -15.02 2.43 -10.51
N TYR B 184 -15.38 1.41 -9.72
CA TYR B 184 -15.23 1.52 -8.27
C TYR B 184 -13.79 1.44 -7.76
N LEU B 185 -12.84 1.49 -8.69
CA LEU B 185 -11.42 1.48 -8.37
C LEU B 185 -10.88 2.90 -8.46
N GLU B 186 -11.67 3.79 -9.04
CA GLU B 186 -11.29 5.19 -9.22
C GLU B 186 -11.62 6.06 -8.01
N GLU B 187 -10.64 6.86 -7.59
CA GLU B 187 -10.80 7.75 -6.45
C GLU B 187 -12.03 8.65 -6.55
N LYS B 188 -12.20 9.27 -7.71
CA LYS B 188 -13.32 10.17 -7.91
C LYS B 188 -14.66 9.47 -7.66
N ARG B 189 -14.85 8.31 -8.28
CA ARG B 189 -16.08 7.55 -8.12
C ARG B 189 -16.31 7.15 -6.66
N ILE B 190 -15.27 6.60 -6.05
CA ILE B 190 -15.37 6.17 -4.65
C ILE B 190 -15.77 7.32 -3.74
N LYS B 191 -15.18 8.49 -3.97
CA LYS B 191 -15.47 9.66 -3.16
C LYS B 191 -16.94 10.09 -3.26
N GLU B 192 -17.47 10.13 -4.47
CA GLU B 192 -18.85 10.56 -4.64
C GLU B 192 -19.84 9.57 -4.03
N VAL B 193 -19.54 8.27 -4.13
CA VAL B 193 -20.43 7.26 -3.57
C VAL B 193 -20.46 7.37 -2.05
N ILE B 194 -19.32 7.65 -1.45
CA ILE B 194 -19.25 7.80 0.00
C ILE B 194 -19.97 9.06 0.46
N LYS B 195 -19.74 10.17 -0.24
CA LYS B 195 -20.38 11.43 0.13
C LYS B 195 -21.88 11.32 -0.05
N ARG B 196 -22.29 10.44 -0.95
CA ARG B 196 -23.71 10.26 -1.23
C ARG B 196 -24.46 9.33 -0.27
N HIS B 197 -23.79 8.32 0.25
CA HIS B 197 -24.47 7.37 1.14
C HIS B 197 -23.81 7.05 2.46
N SER B 198 -22.57 7.50 2.67
CA SER B 198 -21.86 7.17 3.89
C SER B 198 -21.08 8.34 4.45
N GLU B 199 -21.55 9.55 4.17
CA GLU B 199 -20.87 10.77 4.61
C GLU B 199 -20.94 11.06 6.10
N PHE B 200 -21.78 10.33 6.82
CA PHE B 200 -21.93 10.57 8.25
C PHE B 200 -21.63 9.41 9.16
N VAL B 201 -20.69 8.56 8.76
CA VAL B 201 -20.32 7.43 9.59
C VAL B 201 -19.55 7.99 10.78
N ALA B 202 -19.72 7.37 11.95
CA ALA B 202 -19.06 7.82 13.17
C ALA B 202 -17.59 7.45 13.28
N TYR B 203 -16.99 7.06 12.16
CA TYR B 203 -15.58 6.68 12.15
C TYR B 203 -14.88 7.26 10.92
N PRO B 204 -13.58 7.53 11.04
CA PRO B 204 -12.83 8.08 9.90
C PRO B 204 -12.80 7.05 8.77
N ILE B 205 -12.94 7.53 7.54
CA ILE B 205 -12.91 6.67 6.34
C ILE B 205 -11.67 7.08 5.56
N GLN B 206 -10.64 6.23 5.61
CA GLN B 206 -9.40 6.51 4.90
C GLN B 206 -9.39 5.90 3.51
N LEU B 207 -9.09 6.72 2.51
CA LEU B 207 -9.04 6.24 1.13
C LEU B 207 -7.60 6.24 0.63
N VAL B 208 -7.00 5.05 0.56
CA VAL B 208 -5.62 4.92 0.08
C VAL B 208 -5.63 4.80 -1.43
N VAL B 209 -5.25 5.88 -2.10
CA VAL B 209 -5.23 5.90 -3.54
C VAL B 209 -3.85 5.96 -4.16
N THR B 210 -3.69 5.20 -5.24
CA THR B 210 -2.44 5.17 -5.97
C THR B 210 -2.71 5.76 -7.35
N LYS B 211 -2.22 6.97 -7.58
CA LYS B 211 -2.42 7.63 -8.85
C LYS B 211 -1.10 7.93 -9.54
N GLU B 212 -1.06 7.70 -10.85
CA GLU B 212 0.15 7.98 -11.61
C GLU B 212 0.29 9.48 -11.78
N VAL B 213 1.45 10.02 -11.42
CA VAL B 213 1.70 11.44 -11.57
C VAL B 213 1.96 11.71 -13.04
N GLU B 214 1.05 12.45 -13.67
CA GLU B 214 1.16 12.77 -15.08
C GLU B 214 2.34 13.69 -15.39
N LYS B 215 2.80 13.68 -16.64
CA LYS B 215 3.91 14.52 -17.04
C LYS B 215 3.46 15.97 -17.05
N GLU B 216 4.41 16.87 -16.86
CA GLU B 216 4.10 18.29 -16.84
C GLU B 216 3.37 18.67 -18.14
N VAL B 217 3.71 17.99 -19.23
CA VAL B 217 3.08 18.24 -20.51
C VAL B 217 2.98 16.93 -21.30
N PRO B 218 1.74 16.47 -21.55
CA PRO B 218 1.47 15.23 -22.28
C PRO B 218 2.15 15.16 -23.64
N ILE B 219 2.00 14.01 -24.30
CA ILE B 219 2.59 13.77 -25.61
C ILE B 219 4.11 13.89 -25.56
#